data_3OSK
#
_entry.id   3OSK
#
_cell.length_a   43.864
_cell.length_b   51.457
_cell.length_c   102.849
_cell.angle_alpha   90.00
_cell.angle_beta   90.00
_cell.angle_gamma   90.00
#
_symmetry.space_group_name_H-M   'P 21 21 21'
#
loop_
_entity.id
_entity.type
_entity.pdbx_description
1 polymer 'Cytotoxic T-lymphocyte protein 4'
2 non-polymer 2-acetamido-2-deoxy-beta-D-glucopyranose
3 non-polymer GLYCEROL
4 water water
#
_entity_poly.entity_id   1
_entity_poly.type   'polypeptide(L)'
_entity_poly.pdbx_seq_one_letter_code
;KAMHVAQPAVVLASSRGIASFVCEYASPGKATEVRVTVLRQADSQVTEVCAATYMMGNELTFLDDSICTGTSSGNQVNLT
IQGLRAMDTGLYICKVELMYPPPYYLGIGNGTQIYVIDPEPCPDSDLVPR
;
_entity_poly.pdbx_strand_id   A,B
#
loop_
_chem_comp.id
_chem_comp.type
_chem_comp.name
_chem_comp.formula
GOL non-polymer GLYCEROL 'C3 H8 O3'
NAG D-saccharide, beta linking 2-acetamido-2-deoxy-beta-D-glucopyranose 'C8 H15 N O6'
#
# COMPACT_ATOMS: atom_id res chain seq x y z
N MET A 3 21.01 -14.38 11.15
CA MET A 3 21.62 -13.27 10.43
C MET A 3 20.62 -12.18 10.09
N HIS A 4 21.13 -10.97 9.91
CA HIS A 4 20.31 -9.85 9.50
C HIS A 4 19.87 -10.01 8.06
N VAL A 5 18.58 -9.83 7.84
CA VAL A 5 18.00 -9.86 6.53
C VAL A 5 17.16 -8.60 6.45
N ALA A 6 17.39 -7.79 5.43
CA ALA A 6 16.61 -6.59 5.17
C ALA A 6 15.69 -6.73 3.95
N GLN A 7 14.43 -6.29 4.11
CA GLN A 7 13.52 -6.14 2.98
C GLN A 7 12.67 -4.90 3.17
N PRO A 8 12.26 -4.28 2.06
CA PRO A 8 11.47 -3.03 2.19
C PRO A 8 10.16 -3.27 2.95
N ALA A 9 9.74 -2.27 3.74
CA ALA A 9 8.46 -2.32 4.47
C ALA A 9 7.20 -2.47 3.59
N VAL A 10 7.14 -1.75 2.49
CA VAL A 10 5.95 -1.70 1.66
C VAL A 10 6.35 -1.70 0.21
N VAL A 11 5.64 -2.49 -0.58
CA VAL A 11 5.85 -2.44 -2.01
C VAL A 11 4.50 -2.45 -2.70
N LEU A 12 4.39 -1.75 -3.83
CA LEU A 12 3.17 -1.80 -4.63
C LEU A 12 3.36 -2.70 -5.88
N ALA A 13 2.45 -3.67 -6.07
CA ALA A 13 2.45 -4.49 -7.29
C ALA A 13 2.11 -3.60 -8.47
N SER A 14 2.66 -3.92 -9.64
CA SER A 14 2.37 -3.11 -10.83
C SER A 14 0.93 -3.39 -11.18
N SER A 15 0.42 -2.69 -12.19
CA SER A 15 -0.95 -2.91 -12.60
C SER A 15 -1.08 -4.23 -13.31
N ARG A 16 0.05 -4.92 -13.48
CA ARG A 16 0.09 -6.23 -14.13
C ARG A 16 0.07 -7.34 -13.10
N GLY A 17 -0.01 -6.95 -11.84
CA GLY A 17 -0.02 -7.93 -10.78
C GLY A 17 1.36 -8.52 -10.51
N ILE A 18 2.39 -7.75 -10.84
CA ILE A 18 3.77 -8.15 -10.55
C ILE A 18 4.38 -7.25 -9.49
N ALA A 19 4.97 -7.86 -8.46
CA ALA A 19 5.67 -7.09 -7.46
C ALA A 19 7.08 -7.63 -7.31
N SER A 20 8.01 -6.71 -7.09
CA SER A 20 9.40 -7.04 -6.86
C SER A 20 9.86 -6.35 -5.60
N PHE A 21 10.79 -7.00 -4.91
CA PHE A 21 11.52 -6.35 -3.83
C PHE A 21 12.88 -7.01 -3.65
N VAL A 22 13.83 -6.24 -3.13
CA VAL A 22 15.15 -6.76 -2.90
C VAL A 22 15.13 -7.36 -1.54
N CYS A 23 15.79 -8.51 -1.40
CA CYS A 23 16.06 -9.10 -0.11
C CYS A 23 17.58 -9.12 0.10
N GLU A 24 18.06 -8.47 1.16
CA GLU A 24 19.49 -8.44 1.43
C GLU A 24 19.86 -9.12 2.75
N TYR A 25 20.84 -10.04 2.70
CA TYR A 25 21.32 -10.73 3.89
C TYR A 25 22.75 -10.33 4.26
N ALA A 26 23.11 -10.55 5.52
CA ALA A 26 24.45 -10.22 5.98
C ALA A 26 25.51 -11.07 5.26
N SER A 27 26.51 -10.39 4.70
CA SER A 27 27.55 -11.00 3.90
C SER A 27 28.22 -12.20 4.59
N PRO A 28 28.13 -13.39 3.98
CA PRO A 28 28.75 -14.54 4.64
C PRO A 28 30.27 -14.46 4.52
N GLY A 29 30.98 -15.16 5.39
CA GLY A 29 32.43 -15.11 5.39
C GLY A 29 33.07 -15.65 4.12
N LYS A 30 32.26 -16.33 3.30
CA LYS A 30 32.77 -17.00 2.10
C LYS A 30 31.63 -17.49 1.19
N ALA A 31 32.00 -17.95 -0.02
CA ALA A 31 31.03 -18.50 -0.98
C ALA A 31 30.25 -19.56 -0.25
N THR A 32 28.93 -19.50 -0.40
CA THR A 32 28.07 -20.36 0.37
C THR A 32 26.86 -20.73 -0.45
N GLU A 33 26.32 -21.91 -0.19
CA GLU A 33 25.03 -22.24 -0.75
C GLU A 33 23.95 -21.52 0.02
N VAL A 34 23.13 -20.76 -0.70
CA VAL A 34 22.13 -19.91 -0.08
C VAL A 34 20.74 -20.31 -0.53
N ARG A 35 19.83 -20.45 0.44
CA ARG A 35 18.45 -20.77 0.18
C ARG A 35 17.59 -19.57 0.51
N VAL A 36 16.83 -19.09 -0.47
CA VAL A 36 15.94 -17.94 -0.29
CA VAL A 36 15.94 -17.95 -0.28
C VAL A 36 14.50 -18.43 -0.37
N THR A 37 13.71 -18.09 0.63
CA THR A 37 12.34 -18.55 0.71
C THR A 37 11.37 -17.37 0.95
N VAL A 38 10.31 -17.31 0.14
CA VAL A 38 9.27 -16.32 0.35
C VAL A 38 8.09 -16.97 1.03
N LEU A 39 7.73 -16.39 2.17
CA LEU A 39 6.69 -16.90 3.03
C LEU A 39 5.59 -15.87 3.06
N ARG A 40 4.36 -16.29 2.77
CA ARG A 40 3.27 -15.34 2.91
C ARG A 40 2.71 -15.46 4.30
N GLN A 41 2.60 -14.34 5.00
CA GLN A 41 2.06 -14.33 6.36
C GLN A 41 0.63 -13.80 6.41
N ALA A 42 -0.29 -14.69 6.73
CA ALA A 42 -1.70 -14.36 6.85
C ALA A 42 -2.17 -14.74 8.26
N ASP A 43 -1.60 -14.06 9.25
CA ASP A 43 -1.74 -14.41 10.68
C ASP A 43 -3.00 -15.20 10.97
N SER A 44 -2.85 -16.38 11.55
CA SER A 44 -1.56 -16.96 11.90
C SER A 44 -1.04 -17.85 10.79
N GLN A 45 -1.64 -17.73 9.62
CA GLN A 45 -1.19 -18.51 8.45
C GLN A 45 0.19 -18.07 7.97
N VAL A 46 1.12 -19.02 7.91
CA VAL A 46 2.41 -18.78 7.26
C VAL A 46 2.73 -19.88 6.25
N THR A 47 2.90 -19.50 4.99
CA THR A 47 2.95 -20.46 3.91
C THR A 47 3.99 -20.07 2.89
N GLU A 48 4.74 -21.07 2.44
CA GLU A 48 5.71 -20.90 1.36
C GLU A 48 5.01 -20.58 0.05
N VAL A 49 5.37 -19.45 -0.53
CA VAL A 49 5.02 -19.04 -1.89
C VAL A 49 6.06 -19.57 -2.88
N CYS A 50 7.34 -19.53 -2.52
CA CYS A 50 8.35 -20.02 -3.44
C CYS A 50 9.69 -20.10 -2.76
N ALA A 51 10.60 -20.84 -3.36
CA ALA A 51 11.94 -21.02 -2.82
C ALA A 51 12.96 -21.36 -3.90
N ALA A 52 14.22 -21.02 -3.64
CA ALA A 52 15.31 -21.33 -4.55
C ALA A 52 16.63 -21.34 -3.77
N THR A 53 17.59 -22.09 -4.31
CA THR A 53 18.90 -22.17 -3.72
CA THR A 53 18.91 -22.24 -3.73
C THR A 53 19.94 -21.98 -4.81
N TYR A 54 20.99 -21.27 -4.47
CA TYR A 54 22.05 -21.01 -5.41
C TYR A 54 23.36 -20.89 -4.65
N MET A 55 24.46 -21.11 -5.36
CA MET A 55 25.78 -20.86 -4.82
C MET A 55 26.08 -19.38 -5.07
N MET A 56 26.63 -18.71 -4.07
CA MET A 56 26.99 -17.31 -4.19
C MET A 56 27.93 -17.21 -5.38
N GLY A 57 27.76 -16.15 -6.18
CA GLY A 57 28.57 -16.00 -7.37
C GLY A 57 27.85 -16.53 -8.61
N ASN A 58 26.85 -17.38 -8.40
CA ASN A 58 25.97 -17.83 -9.47
C ASN A 58 24.66 -17.03 -9.55
N GLU A 59 23.96 -17.16 -10.66
CA GLU A 59 22.70 -16.46 -10.81
C GLU A 59 21.63 -17.22 -10.04
N LEU A 60 20.84 -16.49 -9.26
CA LEU A 60 19.68 -17.06 -8.60
C LEU A 60 18.68 -17.46 -9.65
N THR A 61 18.10 -18.64 -9.54
CA THR A 61 17.17 -19.08 -10.57
C THR A 61 16.20 -20.01 -9.87
N PHE A 62 14.94 -19.64 -9.94
CA PHE A 62 13.85 -20.46 -9.38
C PHE A 62 13.59 -21.65 -10.29
N LEU A 63 13.46 -22.83 -9.68
CA LEU A 63 13.27 -24.06 -10.45
C LEU A 63 12.10 -24.80 -9.90
N ASP A 64 11.29 -24.12 -9.10
CA ASP A 64 10.16 -24.77 -8.42
C ASP A 64 8.85 -24.59 -9.19
N ASP A 65 8.92 -23.89 -10.32
CA ASP A 65 7.73 -23.60 -11.12
C ASP A 65 6.69 -22.79 -10.33
N SER A 66 7.19 -21.90 -9.48
CA SER A 66 6.36 -21.12 -8.62
C SER A 66 5.98 -19.86 -9.40
N ILE A 67 5.34 -18.90 -8.74
CA ILE A 67 5.01 -17.63 -9.38
C ILE A 67 6.17 -16.63 -9.18
N CYS A 68 7.31 -17.13 -8.73
CA CYS A 68 8.46 -16.26 -8.43
C CYS A 68 9.58 -16.44 -9.42
N THR A 69 10.25 -15.33 -9.75
CA THR A 69 11.50 -15.45 -10.46
C THR A 69 12.46 -14.57 -9.62
N GLY A 70 13.76 -14.56 -9.93
CA GLY A 70 14.67 -13.73 -9.15
C GLY A 70 16.01 -13.49 -9.80
N THR A 71 16.69 -12.42 -9.39
CA THR A 71 18.12 -12.33 -9.71
C THR A 71 18.96 -12.09 -8.45
N SER A 72 20.25 -12.36 -8.57
CA SER A 72 21.14 -12.20 -7.43
C SER A 72 22.31 -11.29 -7.80
N SER A 73 22.68 -10.45 -6.86
CA SER A 73 23.96 -9.73 -6.96
C SER A 73 24.52 -9.53 -5.58
N GLY A 74 25.76 -9.94 -5.38
CA GLY A 74 26.39 -9.83 -4.08
C GLY A 74 25.54 -10.50 -3.01
N ASN A 75 25.25 -9.74 -1.96
CA ASN A 75 24.41 -10.24 -0.89
C ASN A 75 22.94 -9.82 -1.04
N GLN A 76 22.54 -9.45 -2.25
CA GLN A 76 21.13 -9.08 -2.52
C GLN A 76 20.50 -10.07 -3.47
N VAL A 77 19.19 -10.23 -3.34
CA VAL A 77 18.41 -10.89 -4.35
C VAL A 77 17.24 -10.01 -4.66
N ASN A 78 16.90 -9.94 -5.94
CA ASN A 78 15.73 -9.21 -6.38
C ASN A 78 14.65 -10.23 -6.71
N LEU A 79 13.59 -10.29 -5.89
CA LEU A 79 12.53 -11.26 -6.04
C LEU A 79 11.41 -10.58 -6.79
N THR A 80 10.87 -11.28 -7.78
CA THR A 80 9.75 -10.81 -8.55
C THR A 80 8.64 -11.83 -8.42
N ILE A 81 7.50 -11.38 -7.94
CA ILE A 81 6.34 -12.29 -7.84
C ILE A 81 5.21 -11.82 -8.72
N GLN A 82 4.69 -12.73 -9.54
CA GLN A 82 3.74 -12.39 -10.57
C GLN A 82 2.42 -13.12 -10.31
N GLY A 83 1.38 -12.77 -11.06
CA GLY A 83 0.09 -13.43 -10.90
C GLY A 83 -0.70 -12.98 -9.69
N LEU A 84 -0.35 -11.82 -9.12
CA LEU A 84 -1.03 -11.34 -7.92
C LEU A 84 -2.35 -10.66 -8.21
N ARG A 85 -3.29 -10.84 -7.30
CA ARG A 85 -4.58 -10.12 -7.38
C ARG A 85 -4.79 -9.36 -6.08
N ALA A 86 -5.84 -8.56 -6.03
CA ALA A 86 -6.08 -7.75 -4.84
C ALA A 86 -6.11 -8.60 -3.56
N MET A 87 -6.72 -9.77 -3.64
CA MET A 87 -6.86 -10.65 -2.50
CA MET A 87 -6.86 -10.61 -2.46
C MET A 87 -5.51 -11.13 -1.97
N ASP A 88 -4.47 -11.04 -2.80
CA ASP A 88 -3.11 -11.43 -2.44
C ASP A 88 -2.36 -10.34 -1.66
N THR A 89 -2.99 -9.18 -1.50
CA THR A 89 -2.46 -8.16 -0.61
C THR A 89 -2.14 -8.73 0.78
N GLY A 90 -0.94 -8.42 1.26
CA GLY A 90 -0.49 -8.99 2.51
C GLY A 90 1.00 -8.98 2.75
N LEU A 91 1.39 -9.67 3.81
CA LEU A 91 2.76 -9.66 4.26
C LEU A 91 3.56 -10.83 3.69
N TYR A 92 4.66 -10.47 3.04
CA TYR A 92 5.57 -11.43 2.40
C TYR A 92 6.98 -11.39 2.99
N ILE A 93 7.35 -12.50 3.63
CA ILE A 93 8.57 -12.58 4.44
C ILE A 93 9.69 -13.20 3.61
N CYS A 94 10.86 -12.57 3.65
CA CYS A 94 12.03 -13.15 3.02
C CYS A 94 12.83 -13.93 4.08
N LYS A 95 12.90 -15.25 3.91
CA LYS A 95 13.71 -16.11 4.78
C LYS A 95 14.92 -16.49 4.02
N VAL A 96 16.08 -16.33 4.65
CA VAL A 96 17.34 -16.64 3.97
C VAL A 96 18.13 -17.57 4.85
N GLU A 97 18.56 -18.66 4.26
CA GLU A 97 19.41 -19.57 4.96
C GLU A 97 20.74 -19.79 4.29
N LEU A 98 21.83 -19.62 5.03
CA LEU A 98 23.14 -20.05 4.56
C LEU A 98 23.28 -21.52 4.94
N MET A 99 23.13 -22.43 3.97
CA MET A 99 23.03 -23.86 4.21
C MET A 99 24.41 -24.53 4.50
N TYR A 100 25.39 -24.22 3.67
CA TYR A 100 26.75 -24.78 3.72
C TYR A 100 27.63 -24.14 2.65
N PRO A 101 28.96 -24.27 2.76
CA PRO A 101 29.71 -24.85 3.89
C PRO A 101 29.29 -24.15 5.19
N PRO A 102 29.40 -24.87 6.32
CA PRO A 102 28.89 -24.41 7.61
C PRO A 102 29.67 -23.18 8.10
N PRO A 103 29.16 -22.48 9.12
CA PRO A 103 27.98 -22.89 9.88
C PRO A 103 26.70 -22.64 9.10
N TYR A 104 25.64 -23.31 9.53
CA TYR A 104 24.26 -23.02 9.10
C TYR A 104 23.80 -21.74 9.78
N TYR A 105 23.23 -20.82 9.00
CA TYR A 105 22.64 -19.57 9.51
C TYR A 105 21.24 -19.33 8.95
N LEU A 106 20.37 -18.86 9.84
CA LEU A 106 19.01 -18.55 9.47
C LEU A 106 18.77 -17.06 9.67
N GLY A 107 18.16 -16.44 8.66
CA GLY A 107 17.79 -15.05 8.72
C GLY A 107 16.36 -14.89 8.26
N ILE A 108 15.63 -14.04 8.98
CA ILE A 108 14.23 -13.79 8.67
C ILE A 108 14.03 -12.31 8.58
N GLY A 109 13.54 -11.84 7.44
CA GLY A 109 13.32 -10.41 7.28
C GLY A 109 12.08 -9.95 8.03
N ASN A 110 11.87 -8.65 8.09
CA ASN A 110 10.68 -8.11 8.76
C ASN A 110 9.36 -8.20 7.99
N GLY A 111 9.40 -8.68 6.76
CA GLY A 111 8.20 -8.79 5.95
C GLY A 111 8.00 -7.55 5.12
N THR A 112 7.64 -7.77 3.86
CA THR A 112 7.25 -6.69 2.97
C THR A 112 5.73 -6.78 2.80
N GLN A 113 5.03 -5.70 3.17
CA GLN A 113 3.63 -5.51 2.90
C GLN A 113 3.52 -5.18 1.43
N ILE A 114 2.89 -6.07 0.66
CA ILE A 114 2.67 -5.88 -0.77
C ILE A 114 1.21 -5.50 -1.03
N TYR A 115 0.99 -4.30 -1.55
CA TYR A 115 -0.34 -3.87 -1.93
C TYR A 115 -0.64 -4.17 -3.40
N VAL A 116 -1.78 -4.83 -3.63
CA VAL A 116 -2.16 -5.20 -4.98
C VAL A 116 -3.58 -4.77 -5.31
N ILE A 117 -3.75 -4.23 -6.51
CA ILE A 117 -5.09 -3.88 -6.99
C ILE A 117 -5.40 -4.70 -8.23
N ASP A 118 -6.68 -4.90 -8.52
CA ASP A 118 -7.10 -5.55 -9.76
C ASP A 118 -7.22 -4.53 -10.89
N PRO A 119 -6.36 -4.65 -11.92
CA PRO A 119 -6.38 -3.54 -12.87
C PRO A 119 -7.55 -3.66 -13.84
N GLU A 120 -7.82 -2.58 -14.56
CA GLU A 120 -8.67 -2.65 -15.73
C GLU A 120 -7.94 -3.41 -16.82
N PRO A 121 -8.66 -4.23 -17.59
CA PRO A 121 -8.07 -4.75 -18.84
C PRO A 121 -7.93 -3.60 -19.85
N CYS A 122 -7.15 -3.80 -20.91
CA CYS A 122 -7.09 -2.81 -21.98
C CYS A 122 -7.53 -3.40 -23.31
N PRO A 123 -8.62 -2.87 -23.89
CA PRO A 123 -9.28 -3.41 -25.08
C PRO A 123 -8.38 -3.44 -26.32
N MET B 3 -12.84 16.96 18.85
CA MET B 3 -13.80 16.06 18.21
C MET B 3 -13.14 14.91 17.47
N HIS B 4 -13.54 13.69 17.79
CA HIS B 4 -12.98 12.53 17.14
C HIS B 4 -13.38 12.40 15.66
N VAL B 5 -12.36 12.31 14.80
CA VAL B 5 -12.55 11.98 13.40
C VAL B 5 -11.78 10.71 13.09
N ALA B 6 -12.47 9.76 12.46
CA ALA B 6 -11.85 8.51 12.07
C ALA B 6 -11.89 8.34 10.57
N GLN B 7 -10.76 7.91 10.04
CA GLN B 7 -10.68 7.54 8.64
C GLN B 7 -9.74 6.38 8.52
N PRO B 8 -9.97 5.52 7.52
CA PRO B 8 -9.19 4.28 7.39
C PRO B 8 -7.69 4.55 7.35
N ALA B 9 -6.91 3.60 7.86
CA ALA B 9 -5.47 3.72 7.88
C ALA B 9 -4.85 3.71 6.47
N VAL B 10 -5.37 2.86 5.61
CA VAL B 10 -4.79 2.78 4.26
C VAL B 10 -5.88 2.53 3.23
N VAL B 11 -5.81 3.25 2.13
CA VAL B 11 -6.65 2.95 0.97
C VAL B 11 -5.83 2.85 -0.33
N LEU B 12 -6.22 1.92 -1.21
CA LEU B 12 -5.57 1.78 -2.50
C LEU B 12 -6.43 2.43 -3.56
N ALA B 13 -5.82 3.27 -4.38
CA ALA B 13 -6.54 3.88 -5.48
C ALA B 13 -6.80 2.79 -6.51
N SER B 14 -7.91 2.91 -7.24
CA SER B 14 -8.22 1.94 -8.28
C SER B 14 -7.32 2.13 -9.50
N SER B 15 -7.46 1.27 -10.49
CA SER B 15 -6.69 1.39 -11.72
C SER B 15 -6.97 2.75 -12.36
N ARG B 16 -8.19 3.26 -12.20
CA ARG B 16 -8.53 4.57 -12.74
C ARG B 16 -8.11 5.77 -11.87
N GLY B 17 -7.29 5.52 -10.85
CA GLY B 17 -6.84 6.58 -9.96
C GLY B 17 -7.94 7.19 -9.11
N ILE B 18 -8.93 6.38 -8.76
CA ILE B 18 -9.98 6.85 -7.86
C ILE B 18 -9.85 6.15 -6.53
N ALA B 19 -9.68 6.94 -5.46
CA ALA B 19 -9.65 6.42 -4.10
C ALA B 19 -10.88 6.92 -3.38
N SER B 20 -11.50 6.05 -2.58
CA SER B 20 -12.66 6.46 -1.82
C SER B 20 -12.43 6.06 -0.39
N PHE B 21 -12.93 6.86 0.54
CA PHE B 21 -12.90 6.47 1.93
C PHE B 21 -13.97 7.17 2.75
N VAL B 22 -14.20 6.63 3.93
CA VAL B 22 -15.20 7.15 4.84
C VAL B 22 -14.53 7.92 5.95
N CYS B 23 -14.84 9.22 6.01
CA CYS B 23 -14.49 10.04 7.13
C CYS B 23 -15.73 10.21 8.01
N GLU B 24 -15.72 9.66 9.21
CA GLU B 24 -16.86 9.84 10.10
C GLU B 24 -16.50 10.62 11.36
N TYR B 25 -17.43 11.46 11.80
CA TYR B 25 -17.17 12.32 12.94
C TYR B 25 -18.10 12.01 14.12
N ALA B 26 -17.58 12.19 15.33
CA ALA B 26 -18.35 11.97 16.53
C ALA B 26 -19.03 13.28 16.92
N SER B 27 -20.24 13.48 16.40
CA SER B 27 -20.95 14.75 16.62
C SER B 27 -21.24 14.97 18.09
N PRO B 28 -20.80 16.12 18.63
CA PRO B 28 -21.03 16.50 20.02
C PRO B 28 -22.46 17.03 20.21
N GLY B 29 -23.10 17.46 19.13
CA GLY B 29 -24.45 17.97 19.18
C GLY B 29 -25.23 17.67 17.90
N LYS B 30 -26.03 18.64 17.45
CA LYS B 30 -26.78 18.47 16.21
C LYS B 30 -26.41 19.53 15.16
N ALA B 31 -25.41 19.21 14.34
CA ALA B 31 -24.90 20.16 13.35
C ALA B 31 -25.66 20.10 12.03
N THR B 32 -26.11 21.25 11.56
CA THR B 32 -26.85 21.32 10.31
C THR B 32 -25.92 21.68 9.17
N GLU B 33 -24.96 22.54 9.45
CA GLU B 33 -23.96 22.90 8.44
C GLU B 33 -22.58 22.37 8.82
N VAL B 34 -21.92 21.76 7.85
CA VAL B 34 -20.65 21.08 8.07
C VAL B 34 -19.69 21.40 6.94
N ARG B 35 -18.43 21.65 7.28
CA ARG B 35 -17.38 21.78 6.27
C ARG B 35 -16.37 20.63 6.29
N VAL B 36 -16.23 19.93 5.17
CA VAL B 36 -15.23 18.88 5.05
C VAL B 36 -14.06 19.35 4.20
N THR B 37 -12.86 19.04 4.66
CA THR B 37 -11.66 19.40 3.93
C THR B 37 -10.71 18.22 3.86
N VAL B 38 -10.18 17.98 2.67
CA VAL B 38 -9.15 16.98 2.48
C VAL B 38 -7.80 17.69 2.36
N LEU B 39 -6.90 17.34 3.26
CA LEU B 39 -5.56 17.89 3.24
C LEU B 39 -4.60 16.76 2.92
N ARG B 40 -3.58 17.05 2.14
CA ARG B 40 -2.56 16.03 1.86
C ARG B 40 -1.29 16.37 2.64
N GLN B 41 -0.81 15.45 3.48
CA GLN B 41 0.41 15.75 4.23
C GLN B 41 1.65 15.10 3.63
N ALA B 42 2.63 15.93 3.32
CA ALA B 42 3.92 15.48 2.79
C ALA B 42 4.71 16.67 2.25
N ASP B 43 5.96 16.84 2.69
CA ASP B 43 6.60 15.94 3.63
C ASP B 43 6.19 16.26 5.06
N SER B 44 6.66 17.41 5.55
CA SER B 44 6.31 17.90 6.87
C SER B 44 5.23 18.97 6.72
N GLN B 45 4.78 19.15 5.49
CA GLN B 45 3.79 20.16 5.15
C GLN B 45 2.41 19.57 4.93
N VAL B 46 1.39 20.42 5.06
CA VAL B 46 0.02 20.06 4.75
C VAL B 46 -0.48 20.95 3.63
N THR B 47 -1.31 20.40 2.75
CA THR B 47 -1.88 21.16 1.63
C THR B 47 -3.34 20.81 1.45
N GLU B 48 -4.14 21.77 1.01
CA GLU B 48 -5.57 21.52 0.82
C GLU B 48 -5.92 21.03 -0.57
N VAL B 49 -6.52 19.85 -0.61
CA VAL B 49 -6.82 19.17 -1.87
C VAL B 49 -8.18 19.62 -2.39
N CYS B 50 -9.18 19.55 -1.52
CA CYS B 50 -10.54 19.90 -1.86
C CYS B 50 -11.31 20.16 -0.58
N ALA B 51 -12.48 20.80 -0.69
CA ALA B 51 -13.31 21.10 0.47
C ALA B 51 -14.74 21.44 0.09
N ALA B 52 -15.69 20.81 0.78
CA ALA B 52 -17.10 21.04 0.56
C ALA B 52 -17.69 21.61 1.82
N THR B 53 -18.53 22.60 1.67
CA THR B 53 -19.30 23.15 2.76
C THR B 53 -20.74 22.80 2.41
N TYR B 54 -21.37 21.94 3.21
CA TYR B 54 -22.70 21.48 2.86
C TYR B 54 -23.69 21.46 4.01
N MET B 55 -24.94 21.77 3.70
CA MET B 55 -26.05 21.48 4.61
C MET B 55 -26.23 19.97 4.58
N MET B 56 -26.10 19.33 5.74
CA MET B 56 -26.10 17.86 5.84
C MET B 56 -27.12 17.15 4.95
N GLY B 57 -28.29 17.76 4.75
CA GLY B 57 -29.35 17.17 3.98
C GLY B 57 -29.27 17.47 2.49
N ASN B 58 -28.05 17.45 1.95
CA ASN B 58 -27.85 17.71 0.54
C ASN B 58 -26.45 17.32 0.07
N GLU B 59 -26.28 17.20 -1.24
CA GLU B 59 -25.03 16.78 -1.84
C GLU B 59 -23.89 17.75 -1.51
N LEU B 60 -22.67 17.33 -1.80
CA LEU B 60 -21.49 18.17 -1.59
C LEU B 60 -21.03 18.78 -2.91
N THR B 61 -20.59 20.02 -2.88
CA THR B 61 -20.11 20.65 -4.10
C THR B 61 -18.72 21.23 -3.94
N PHE B 62 -17.79 20.75 -4.77
CA PHE B 62 -16.39 21.12 -4.61
C PHE B 62 -15.97 22.16 -5.64
N LEU B 63 -14.79 22.74 -5.42
CA LEU B 63 -14.22 23.71 -6.35
C LEU B 63 -14.05 23.11 -7.74
N ASP B 64 -13.39 21.95 -7.79
CA ASP B 64 -13.19 21.26 -9.05
C ASP B 64 -14.29 20.22 -9.22
N ASP B 65 -14.47 19.41 -8.18
CA ASP B 65 -15.45 18.34 -8.19
C ASP B 65 -15.14 17.34 -9.30
N SER B 66 -14.04 17.57 -10.01
CA SER B 66 -13.49 16.61 -10.94
C SER B 66 -12.46 15.76 -10.21
N ILE B 67 -12.07 16.25 -9.04
CA ILE B 67 -11.09 15.57 -8.19
C ILE B 67 -11.74 14.97 -6.94
N CYS B 68 -12.55 15.76 -6.24
CA CYS B 68 -13.28 15.23 -5.10
C CYS B 68 -14.79 15.16 -5.35
N THR B 69 -15.40 14.08 -4.88
CA THR B 69 -16.83 14.01 -4.74
C THR B 69 -17.08 13.52 -3.34
N GLY B 70 -18.31 13.65 -2.87
CA GLY B 70 -18.65 13.17 -1.55
C GLY B 70 -20.15 13.06 -1.34
N THR B 71 -20.53 12.12 -0.49
CA THR B 71 -21.92 11.99 -0.09
C THR B 71 -22.05 11.92 1.42
N SER B 72 -22.90 12.79 1.97
CA SER B 72 -23.18 12.81 3.40
C SER B 72 -24.25 11.80 3.78
N SER B 73 -24.07 11.14 4.92
CA SER B 73 -25.01 10.15 5.42
C SER B 73 -24.96 10.06 6.95
N GLY B 74 -25.36 11.14 7.62
CA GLY B 74 -25.29 11.22 9.06
C GLY B 74 -23.95 11.76 9.51
N ASN B 75 -23.44 11.21 10.62
CA ASN B 75 -22.16 11.64 11.17
C ASN B 75 -20.97 11.08 10.40
N GLN B 76 -21.07 11.11 9.07
CA GLN B 76 -19.99 10.61 8.22
C GLN B 76 -20.17 11.11 6.80
N VAL B 77 -19.12 10.98 5.99
CA VAL B 77 -19.19 11.41 4.60
C VAL B 77 -18.31 10.53 3.73
N ASN B 78 -18.91 9.97 2.68
CA ASN B 78 -18.20 9.14 1.70
C ASN B 78 -17.40 10.01 0.76
N LEU B 79 -16.08 10.00 0.86
CA LEU B 79 -15.28 10.82 -0.03
C LEU B 79 -14.70 10.02 -1.18
N THR B 80 -14.54 10.68 -2.33
CA THR B 80 -13.93 10.08 -3.51
C THR B 80 -12.92 11.06 -4.08
N ILE B 81 -11.67 10.62 -4.21
CA ILE B 81 -10.65 11.45 -4.84
C ILE B 81 -10.25 10.85 -6.18
N GLN B 82 -10.30 11.67 -7.23
CA GLN B 82 -10.10 11.19 -8.59
C GLN B 82 -8.89 11.83 -9.25
N GLY B 83 -8.47 11.26 -10.38
CA GLY B 83 -7.33 11.73 -11.13
C GLY B 83 -6.00 11.46 -10.49
N LEU B 84 -5.94 10.48 -9.59
CA LEU B 84 -4.70 10.17 -8.89
C LEU B 84 -3.70 9.47 -9.78
N ARG B 85 -2.45 9.87 -9.62
CA ARG B 85 -1.30 9.23 -10.23
C ARG B 85 -0.35 8.79 -9.12
N ALA B 86 0.65 7.99 -9.48
CA ALA B 86 1.60 7.46 -8.50
C ALA B 86 2.16 8.58 -7.60
N MET B 87 2.54 9.69 -8.19
CA MET B 87 3.11 10.78 -7.39
C MET B 87 2.19 11.29 -6.29
N ASP B 88 0.89 10.96 -6.36
CA ASP B 88 -0.08 11.46 -5.41
C ASP B 88 -0.19 10.56 -4.17
N THR B 89 0.46 9.42 -4.25
CA THR B 89 0.58 8.55 -3.10
C THR B 89 1.00 9.40 -1.90
N GLY B 90 0.33 9.24 -0.76
CA GLY B 90 0.61 10.05 0.40
C GLY B 90 -0.48 9.98 1.47
N LEU B 91 -0.36 10.85 2.47
CA LEU B 91 -1.30 10.86 3.59
C LEU B 91 -2.35 11.93 3.40
N TYR B 92 -3.61 11.50 3.37
CA TYR B 92 -4.72 12.40 3.13
C TYR B 92 -5.51 12.54 4.40
N ILE B 93 -5.54 13.77 4.92
CA ILE B 93 -6.17 14.05 6.20
C ILE B 93 -7.56 14.60 6.01
N CYS B 94 -8.49 14.01 6.75
CA CYS B 94 -9.88 14.47 6.75
C CYS B 94 -10.12 15.43 7.88
N LYS B 95 -10.43 16.68 7.54
CA LYS B 95 -10.80 17.69 8.52
C LYS B 95 -12.31 17.93 8.49
N VAL B 96 -12.92 17.95 9.66
CA VAL B 96 -14.35 18.16 9.72
C VAL B 96 -14.68 19.29 10.68
N GLU B 97 -15.48 20.24 10.19
CA GLU B 97 -15.88 21.38 10.97
C GLU B 97 -17.39 21.47 11.05
N LEU B 98 -17.90 21.70 12.25
CA LEU B 98 -19.31 21.84 12.43
C LEU B 98 -19.57 23.34 12.47
N MET B 99 -20.24 23.87 11.46
CA MET B 99 -20.36 25.33 11.24
C MET B 99 -21.68 25.92 11.73
N TYR B 100 -22.67 25.06 12.00
CA TYR B 100 -23.94 25.54 12.49
C TYR B 100 -24.82 24.38 12.95
N PRO B 101 -25.51 24.56 14.10
CA PRO B 101 -25.46 25.80 14.88
C PRO B 101 -24.24 25.85 15.78
N PRO B 102 -24.01 27.02 16.43
CA PRO B 102 -22.93 27.11 17.41
C PRO B 102 -23.05 26.01 18.45
N PRO B 103 -21.95 25.64 19.10
CA PRO B 103 -20.62 26.21 18.88
C PRO B 103 -19.89 25.49 17.76
N TYR B 104 -18.85 26.12 17.25
CA TYR B 104 -17.99 25.51 16.27
C TYR B 104 -17.21 24.36 16.90
N TYR B 105 -17.16 23.25 16.19
CA TYR B 105 -16.25 22.17 16.54
C TYR B 105 -15.35 21.85 15.37
N LEU B 106 -14.12 21.48 15.70
CA LEU B 106 -13.14 21.14 14.69
C LEU B 106 -12.62 19.77 15.03
N GLY B 107 -12.63 18.87 14.04
CA GLY B 107 -12.04 17.55 14.19
C GLY B 107 -11.07 17.22 13.07
N ILE B 108 -9.91 16.65 13.42
CA ILE B 108 -8.89 16.26 12.45
C ILE B 108 -8.51 14.81 12.63
N GLY B 109 -8.64 14.03 11.57
CA GLY B 109 -8.39 12.59 11.63
C GLY B 109 -6.93 12.27 11.49
N ASN B 110 -6.58 11.01 11.71
CA ASN B 110 -5.18 10.56 11.64
C ASN B 110 -4.58 10.49 10.22
N GLY B 111 -5.43 10.59 9.21
CA GLY B 111 -4.94 10.52 7.85
C GLY B 111 -5.10 9.13 7.33
N THR B 112 -5.39 9.04 6.04
CA THR B 112 -5.45 7.78 5.36
C THR B 112 -4.31 7.79 4.38
N GLN B 113 -3.46 6.77 4.45
CA GLN B 113 -2.42 6.56 3.45
C GLN B 113 -3.08 6.05 2.18
N ILE B 114 -2.97 6.84 1.11
CA ILE B 114 -3.48 6.41 -0.19
C ILE B 114 -2.35 5.99 -1.12
N TYR B 115 -2.32 4.71 -1.49
CA TYR B 115 -1.33 4.22 -2.44
C TYR B 115 -1.91 4.21 -3.83
N VAL B 116 -1.14 4.74 -4.77
CA VAL B 116 -1.58 4.93 -6.14
C VAL B 116 -0.60 4.28 -7.11
N ILE B 117 -1.10 3.48 -8.02
CA ILE B 117 -0.22 2.96 -9.05
C ILE B 117 -0.66 3.43 -10.44
N ASP B 118 0.31 3.72 -11.29
CA ASP B 118 0.04 4.12 -12.67
C ASP B 118 -0.11 2.87 -13.52
N PRO B 119 -1.17 2.79 -14.34
CA PRO B 119 -1.33 1.64 -15.24
C PRO B 119 -0.05 1.45 -16.06
N GLU B 120 0.31 0.19 -16.31
CA GLU B 120 1.39 -0.16 -17.22
C GLU B 120 0.95 0.11 -18.67
N PRO B 121 1.93 0.21 -19.60
CA PRO B 121 1.59 0.39 -21.02
C PRO B 121 0.70 -0.74 -21.58
N CYS B 122 -0.22 -0.37 -22.46
CA CYS B 122 -1.13 -1.30 -23.14
C CYS B 122 -0.88 -1.22 -24.63
N PRO B 123 -0.68 -2.38 -25.28
CA PRO B 123 -0.44 -2.43 -26.73
C PRO B 123 -1.51 -1.70 -27.55
N ASP B 124 -1.18 -1.40 -28.80
CA ASP B 124 -2.06 -0.68 -29.70
C ASP B 124 -3.29 -1.50 -30.11
N SER B 125 -4.42 -0.82 -30.32
CA SER B 125 -4.52 0.63 -30.16
C SER B 125 -5.94 1.04 -29.77
C1 NAG C . 14.04 -6.15 -9.71
C2 NAG C . 14.68 -4.88 -10.30
C3 NAG C . 13.76 -4.13 -11.27
C4 NAG C . 13.12 -5.09 -12.26
C5 NAG C . 12.51 -6.29 -11.54
C6 NAG C . 11.96 -7.26 -12.56
C7 NAG C . 16.34 -3.92 -8.90
C8 NAG C . 16.64 -3.03 -7.73
N2 NAG C . 15.07 -4.00 -9.24
O3 NAG C . 14.52 -3.17 -11.98
O4 NAG C . 12.10 -4.41 -12.96
O5 NAG C . 13.50 -6.93 -10.76
O6 NAG C . 13.05 -7.82 -13.25
O7 NAG C . 17.20 -4.54 -9.51
C1 GOL D . 26.67 -14.10 9.66
O1 GOL D . 25.75 -14.89 10.38
C2 GOL D . 26.96 -14.77 8.32
O2 GOL D . 26.34 -14.06 7.27
C3 GOL D . 28.46 -14.81 8.09
O3 GOL D . 28.97 -13.48 7.94
C1 GOL E . 9.29 -3.47 11.66
O1 GOL E . 8.75 -4.78 11.65
C2 GOL E . 10.69 -3.44 12.29
O2 GOL E . 11.04 -4.70 12.79
C3 GOL E . 11.72 -2.94 11.27
O3 GOL E . 13.01 -2.91 11.87
C1 NAG F . -21.30 5.48 1.87
C2 NAG F . -22.09 4.93 0.67
C3 NAG F . -22.97 3.74 1.03
C4 NAG F . -22.18 2.73 1.86
C5 NAG F . -21.57 3.44 3.06
C6 NAG F . -20.80 2.46 3.95
C7 NAG F . -22.80 6.28 -1.23
C8 NAG F . -22.22 5.23 -2.14
N2 NAG F . -22.89 5.98 0.06
O3 NAG F . -23.44 3.10 -0.14
O4 NAG F . -23.03 1.70 2.30
O5 NAG F . -20.69 4.46 2.63
O6 NAG F . -20.17 3.18 4.98
O7 NAG F . -23.16 7.36 -1.70
#